data_7D39
#
_entry.id   7D39
#
_cell.length_a   67.870
_cell.length_b   67.870
_cell.length_c   194.270
_cell.angle_alpha   90.000
_cell.angle_beta   90.000
_cell.angle_gamma   90.000
#
_symmetry.space_group_name_H-M   'P 43 21 2'
#
loop_
_entity.id
_entity.type
_entity.pdbx_description
1 polymer Cd1
2 non-polymer 'FLAVIN MONONUCLEOTIDE'
3 water water
#
_entity_poly.entity_id   1
_entity_poly.type   'polypeptide(L)'
_entity_poly.pdbx_seq_one_letter_code
;(MSE)KILGISGG(MSE)RNGSNDG(MSE)CIEAL(MSE)GAKE(MSE)GAEVEFIQLQNLHIEHCTGCTACVQSVLGGR
GGKCVLKDDFDWLLDK(MSE)LDADGIVFSTPIFEKGATGLFHTITDRFGPR(MSE)DRGNNIIGTKIAEETGGTAPDPR
ILKDKVISF(MSE)SVGGSDWVTRTQCDAG(MSE)LALTP(MSE)WKVIDNEVFPWALSILVEDERVARAHQIGRNIAEA
AKDIEHAQYQGDAGVCPHCHSRNFHLQDGKAICCLCGLEGEIHNEGGKYSFTFPAEQLEHAHDTLSGKFIHGNDIKENTG
KKIAN(MSE)QTEKYKARQAAYRAFITATVPEKG
;
_entity_poly.pdbx_strand_id   A
#
loop_
_chem_comp.id
_chem_comp.type
_chem_comp.name
_chem_comp.formula
FMN non-polymer 'FLAVIN MONONUCLEOTIDE' 'C17 H21 N4 O9 P'
#
# COMPACT_ATOMS: atom_id res chain seq x y z
N MSE A 1 11.84 12.21 -15.83
CA MSE A 1 11.20 11.52 -14.75
C MSE A 1 10.11 12.40 -14.23
O MSE A 1 10.29 13.59 -14.10
CB MSE A 1 12.24 11.07 -13.74
CG MSE A 1 12.51 12.03 -12.59
SE MSE A 1 14.33 12.80 -12.73
CE MSE A 1 14.12 13.34 -14.59
N LYS A 2 8.94 11.82 -14.01
CA LYS A 2 7.74 12.48 -13.58
C LYS A 2 7.40 12.03 -12.19
N ILE A 3 7.39 12.95 -11.25
CA ILE A 3 7.01 12.65 -9.89
C ILE A 3 5.64 13.22 -9.53
N LEU A 4 4.78 12.37 -9.02
CA LEU A 4 3.51 12.76 -8.46
C LEU A 4 3.50 12.80 -6.95
N GLY A 5 3.12 13.93 -6.42
CA GLY A 5 2.81 14.09 -5.02
C GLY A 5 1.35 14.10 -4.66
N ILE A 6 1.01 13.29 -3.69
CA ILE A 6 -0.33 13.15 -3.18
C ILE A 6 -0.37 13.46 -1.70
N SER A 7 -1.33 14.26 -1.29
CA SER A 7 -1.52 14.56 0.13
C SER A 7 -2.93 14.19 0.56
N GLY A 8 -3.04 13.46 1.66
CA GLY A 8 -4.32 13.11 2.23
C GLY A 8 -4.74 13.96 3.43
N GLY A 9 -4.04 15.07 3.71
CA GLY A 9 -4.41 15.94 4.80
C GLY A 9 -5.42 16.99 4.38
N MSE A 10 -5.66 17.95 5.28
CA MSE A 10 -6.52 19.07 4.93
C MSE A 10 -5.85 19.98 3.90
O MSE A 10 -4.62 20.07 3.84
CB MSE A 10 -6.89 19.90 6.17
CG MSE A 10 -7.92 19.29 7.13
SE MSE A 10 -9.65 18.80 6.36
CE MSE A 10 -9.83 20.20 4.99
N ARG A 11 -6.65 20.67 3.10
CA ARG A 11 -6.10 21.66 2.16
C ARG A 11 -5.22 22.66 2.89
N ASN A 12 -3.99 22.85 2.40
CA ASN A 12 -3.04 23.81 2.94
C ASN A 12 -2.55 23.43 4.32
N GLY A 13 -2.65 22.16 4.69
CA GLY A 13 -2.16 21.69 5.98
C GLY A 13 -0.73 21.20 5.90
N SER A 14 -0.33 20.47 6.95
CA SER A 14 1.05 20.04 7.06
C SER A 14 1.39 18.94 6.06
N ASN A 15 0.48 18.02 5.79
CA ASN A 15 0.77 16.99 4.78
C ASN A 15 0.96 17.61 3.41
N ASP A 16 0.15 18.61 3.04
CA ASP A 16 0.36 19.32 1.79
C ASP A 16 1.76 19.90 1.73
N GLY A 17 2.16 20.61 2.80
CA GLY A 17 3.47 21.26 2.83
C GLY A 17 4.61 20.27 2.68
N MSE A 18 4.61 19.21 3.49
CA MSE A 18 5.64 18.18 3.42
C MSE A 18 5.68 17.56 2.05
O MSE A 18 6.74 17.25 1.50
CB MSE A 18 5.41 17.10 4.47
CG MSE A 18 5.43 17.63 5.88
SE MSE A 18 7.27 18.06 6.44
CE MSE A 18 7.89 16.23 6.77
N CYS A 19 4.49 17.31 1.50
CA CYS A 19 4.40 16.75 0.17
C CYS A 19 5.02 17.71 -0.86
N ILE A 20 4.66 18.98 -0.78
CA ILE A 20 5.18 19.92 -1.76
C ILE A 20 6.67 20.12 -1.58
N GLU A 21 7.14 20.16 -0.33
CA GLU A 21 8.56 20.22 -0.06
C GLU A 21 9.28 19.02 -0.67
N ALA A 22 8.67 17.84 -0.62
CA ALA A 22 9.25 16.71 -1.32
C ALA A 22 9.25 16.95 -2.82
N LEU A 23 8.17 17.54 -3.35
CA LEU A 23 8.16 17.82 -4.78
C LEU A 23 9.27 18.79 -5.16
N MSE A 24 9.57 19.75 -4.29
CA MSE A 24 10.65 20.69 -4.57
C MSE A 24 12.01 20.00 -4.68
O MSE A 24 12.77 20.23 -5.61
CB MSE A 24 10.70 21.78 -3.50
CG MSE A 24 9.67 22.86 -3.72
SE MSE A 24 9.42 23.99 -2.15
CE MSE A 24 8.36 25.38 -2.99
N GLY A 25 12.32 19.14 -3.70
CA GLY A 25 13.53 18.35 -3.80
C GLY A 25 13.57 17.51 -5.06
N ALA A 26 12.43 16.93 -5.44
CA ALA A 26 12.37 16.18 -6.68
C ALA A 26 12.65 17.07 -7.88
N LYS A 27 12.12 18.29 -7.90
CA LYS A 27 12.41 19.16 -9.03
C LYS A 27 13.88 19.54 -9.04
N GLU A 28 14.45 19.80 -7.86
CA GLU A 28 15.87 20.09 -7.76
C GLU A 28 16.71 19.02 -8.45
N MSE A 29 16.22 17.78 -8.45
CA MSE A 29 16.88 16.67 -9.13
C MSE A 29 16.52 16.58 -10.61
O MSE A 29 16.99 15.72 -11.31
CB MSE A 29 16.53 15.35 -8.45
CG MSE A 29 16.94 15.29 -7.00
SE MSE A 29 18.88 15.41 -6.79
CE MSE A 29 18.99 16.96 -5.61
N GLY A 30 15.67 17.48 -11.08
CA GLY A 30 15.33 17.53 -12.49
C GLY A 30 14.02 16.89 -12.88
N ALA A 31 13.14 16.61 -11.92
CA ALA A 31 11.88 15.95 -12.20
C ALA A 31 10.83 16.98 -12.56
N GLU A 32 9.93 16.59 -13.46
CA GLU A 32 8.66 17.29 -13.59
C GLU A 32 7.76 16.84 -12.45
N VAL A 33 7.02 17.78 -11.87
CA VAL A 33 6.26 17.47 -10.67
C VAL A 33 4.81 17.83 -10.87
N GLU A 34 3.96 17.11 -10.13
CA GLU A 34 2.52 17.34 -10.11
C GLU A 34 2.03 17.03 -8.71
N PHE A 35 0.98 17.74 -8.30
CA PHE A 35 0.45 17.62 -6.95
C PHE A 35 -1.04 17.33 -7.01
N ILE A 36 -1.50 16.37 -6.21
CA ILE A 36 -2.92 16.07 -6.08
C ILE A 36 -3.31 16.15 -4.61
N GLN A 37 -4.31 16.98 -4.32
CA GLN A 37 -4.87 17.12 -2.98
C GLN A 37 -6.14 16.27 -2.91
N LEU A 38 -6.14 15.24 -2.05
CA LEU A 38 -7.24 14.27 -2.09
C LEU A 38 -8.58 14.84 -1.64
N GLN A 39 -8.59 15.93 -0.85
CA GLN A 39 -9.85 16.54 -0.47
C GLN A 39 -10.61 17.10 -1.67
N ASN A 40 -9.94 17.34 -2.80
CA ASN A 40 -10.64 17.77 -4.01
C ASN A 40 -11.33 16.64 -4.74
N LEU A 41 -11.15 15.40 -4.29
CA LEU A 41 -11.60 14.22 -5.03
C LEU A 41 -12.77 13.58 -4.28
N HIS A 42 -13.66 12.95 -5.05
CA HIS A 42 -14.75 12.18 -4.48
C HIS A 42 -14.41 10.71 -4.70
N ILE A 43 -14.19 9.99 -3.62
CA ILE A 43 -13.82 8.58 -3.67
C ILE A 43 -14.72 7.83 -2.70
N GLU A 44 -15.49 6.89 -3.23
CA GLU A 44 -16.40 6.07 -2.43
C GLU A 44 -15.68 4.88 -1.83
N HIS A 45 -16.22 4.38 -0.71
CA HIS A 45 -15.67 3.18 -0.08
C HIS A 45 -15.82 1.96 -0.98
N CYS A 46 -14.89 1.03 -0.85
CA CYS A 46 -15.01 -0.25 -1.54
C CYS A 46 -16.21 -1.02 -1.00
N THR A 47 -17.09 -1.45 -1.88
CA THR A 47 -18.24 -2.24 -1.44
C THR A 47 -17.84 -3.72 -1.36
N ASP A 68 -15.01 6.68 -7.49
CA ASP A 68 -15.69 7.60 -8.46
C ASP A 68 -14.77 8.57 -9.22
N ASP A 69 -13.98 9.36 -8.49
CA ASP A 69 -12.74 9.92 -9.01
C ASP A 69 -11.56 8.96 -8.88
N PHE A 70 -11.80 7.75 -8.40
CA PHE A 70 -10.69 6.81 -8.22
C PHE A 70 -10.03 6.50 -9.55
N ASP A 71 -10.81 6.20 -10.59
CA ASP A 71 -10.21 5.88 -11.88
C ASP A 71 -9.33 7.02 -12.37
N TRP A 72 -9.80 8.26 -12.23
CA TRP A 72 -8.95 9.40 -12.55
C TRP A 72 -7.67 9.38 -11.73
N LEU A 73 -7.78 9.23 -10.42
CA LEU A 73 -6.60 9.18 -9.57
C LEU A 73 -5.64 8.08 -10.03
N LEU A 74 -6.18 6.90 -10.31
CA LEU A 74 -5.35 5.78 -10.72
C LEU A 74 -4.61 6.08 -12.01
N ASP A 75 -5.31 6.65 -13.01
CA ASP A 75 -4.64 7.03 -14.25
C ASP A 75 -3.46 7.94 -13.96
N LYS A 76 -3.63 8.90 -13.05
CA LYS A 76 -2.54 9.81 -12.73
C LYS A 76 -1.37 9.07 -12.11
N MSE A 77 -1.65 8.16 -11.20
CA MSE A 77 -0.57 7.42 -10.56
C MSE A 77 0.16 6.55 -11.58
O MSE A 77 1.37 6.41 -11.50
CB MSE A 77 -1.11 6.59 -9.42
CG MSE A 77 -1.71 7.41 -8.32
SE MSE A 77 -2.67 6.35 -6.98
CE MSE A 77 -1.18 5.93 -5.77
N LEU A 78 -0.58 6.01 -12.55
CA LEU A 78 0.04 5.13 -13.55
C LEU A 78 0.93 5.93 -14.51
N ASP A 79 0.61 7.19 -14.75
CA ASP A 79 1.44 8.02 -15.61
C ASP A 79 2.71 8.51 -14.94
N ALA A 80 2.82 8.36 -13.62
CA ALA A 80 3.99 8.85 -12.89
C ALA A 80 5.07 7.79 -12.83
N ASP A 81 6.33 8.23 -12.90
CA ASP A 81 7.44 7.30 -12.73
C ASP A 81 7.73 7.04 -11.26
N GLY A 82 7.39 8.00 -10.40
CA GLY A 82 7.59 7.87 -8.97
C GLY A 82 6.53 8.70 -8.27
N ILE A 83 6.23 8.30 -7.03
CA ILE A 83 5.12 8.86 -6.27
C ILE A 83 5.56 9.10 -4.84
N VAL A 84 5.16 10.25 -4.30
CA VAL A 84 5.35 10.62 -2.90
C VAL A 84 3.96 10.86 -2.32
N PHE A 85 3.61 10.12 -1.29
CA PHE A 85 2.32 10.12 -0.71
C PHE A 85 2.42 10.50 0.76
N SER A 86 1.86 11.63 1.13
CA SER A 86 1.80 12.07 2.49
C SER A 86 0.45 11.89 3.14
N THR A 87 0.36 11.17 4.23
CA THR A 87 -0.92 10.88 4.85
C THR A 87 -0.93 11.29 6.31
N PRO A 88 -2.01 11.91 6.77
CA PRO A 88 -2.21 12.05 8.21
C PRO A 88 -2.24 10.68 8.88
N ILE A 89 -1.98 10.67 10.18
CA ILE A 89 -2.14 9.49 11.00
C ILE A 89 -3.46 9.62 11.75
N PHE A 90 -4.34 8.62 11.61
CA PHE A 90 -5.59 8.52 12.34
C PHE A 90 -5.57 7.22 13.13
N GLU A 91 -5.77 7.30 14.46
CA GLU A 91 -5.74 6.11 15.32
C GLU A 91 -4.55 5.20 15.04
N LYS A 92 -3.36 5.80 14.96
CA LYS A 92 -2.10 5.06 14.85
C LYS A 92 -2.07 4.27 13.55
N GLY A 93 -2.45 4.92 12.44
CA GLY A 93 -2.44 4.20 11.19
C GLY A 93 -2.74 5.29 10.19
N ALA A 94 -2.92 4.92 8.93
CA ALA A 94 -3.27 5.91 7.92
C ALA A 94 -4.76 6.22 7.99
N THR A 95 -5.20 7.20 7.21
CA THR A 95 -6.59 7.62 7.26
C THR A 95 -7.52 6.58 6.61
N GLY A 96 -8.79 6.63 7.00
CA GLY A 96 -9.76 5.75 6.37
C GLY A 96 -9.68 5.82 4.86
N LEU A 97 -9.52 7.03 4.32
CA LEU A 97 -9.45 7.20 2.88
C LEU A 97 -8.24 6.48 2.29
N PHE A 98 -7.09 6.58 2.95
CA PHE A 98 -5.93 5.79 2.54
C PHE A 98 -6.25 4.30 2.53
N HIS A 99 -6.96 3.81 3.54
CA HIS A 99 -7.37 2.41 3.54
C HIS A 99 -8.33 2.09 2.41
N THR A 100 -9.20 3.03 2.03
CA THR A 100 -10.12 2.83 0.92
C THR A 100 -9.37 2.74 -0.40
N ILE A 101 -8.40 3.65 -0.62
CA ILE A 101 -7.56 3.56 -1.80
C ILE A 101 -6.86 2.21 -1.86
N THR A 102 -6.38 1.72 -0.72
CA THR A 102 -5.78 0.39 -0.69
C THR A 102 -6.80 -0.70 -1.05
N ASP A 103 -7.98 -0.65 -0.44
CA ASP A 103 -9.02 -1.63 -0.80
C ASP A 103 -9.25 -1.62 -2.29
N ARG A 104 -9.26 -0.45 -2.90
CA ARG A 104 -9.68 -0.36 -4.28
C ARG A 104 -8.54 -0.59 -5.26
N PHE A 105 -7.30 -0.65 -4.78
CA PHE A 105 -6.21 -1.12 -5.64
C PHE A 105 -6.36 -2.60 -5.97
N GLY A 106 -6.97 -3.36 -5.06
CA GLY A 106 -7.03 -4.81 -5.13
C GLY A 106 -7.39 -5.37 -6.49
N PRO A 107 -8.59 -5.05 -6.98
CA PRO A 107 -9.07 -5.63 -8.23
C PRO A 107 -8.50 -5.02 -9.50
N ARG A 108 -7.65 -4.02 -9.41
CA ARG A 108 -7.11 -3.39 -10.61
C ARG A 108 -5.59 -3.42 -10.71
N MSE A 109 -4.89 -3.59 -9.59
CA MSE A 109 -3.49 -3.30 -9.57
C MSE A 109 -2.64 -4.46 -9.11
O MSE A 109 -1.42 -4.34 -9.05
CB MSE A 109 -3.25 -2.08 -8.67
CG MSE A 109 -3.82 -0.80 -9.24
SE MSE A 109 -3.06 -0.48 -11.01
CE MSE A 109 -2.70 1.41 -10.79
N ASP A 110 -3.27 -5.60 -8.80
CA ASP A 110 -2.53 -6.74 -8.28
C ASP A 110 -1.59 -7.27 -9.37
N ARG A 111 -0.29 -7.26 -9.09
CA ARG A 111 0.67 -7.56 -10.13
C ARG A 111 0.56 -9.00 -10.60
N GLY A 112 0.29 -9.92 -9.69
CA GLY A 112 0.05 -11.29 -10.12
C GLY A 112 -1.08 -11.36 -11.13
N ASN A 113 -2.23 -10.79 -10.78
CA ASN A 113 -3.38 -10.94 -11.66
C ASN A 113 -3.16 -10.22 -12.97
N ASN A 114 -2.41 -9.13 -12.97
CA ASN A 114 -2.23 -8.41 -14.20
C ASN A 114 -1.27 -9.14 -15.12
N ILE A 115 -0.28 -9.84 -14.55
CA ILE A 115 0.58 -10.69 -15.38
C ILE A 115 -0.21 -11.85 -15.95
N ILE A 116 -1.03 -12.50 -15.13
CA ILE A 116 -1.89 -13.58 -15.60
C ILE A 116 -2.81 -13.06 -16.69
N GLY A 117 -3.45 -11.93 -16.44
CA GLY A 117 -4.44 -11.43 -17.36
C GLY A 117 -3.89 -11.05 -18.72
N THR A 118 -2.70 -10.43 -18.75
CA THR A 118 -2.15 -10.09 -20.05
C THR A 118 -1.59 -11.31 -20.75
N LYS A 119 -1.21 -12.34 -20.01
CA LYS A 119 -0.78 -13.58 -20.65
C LYS A 119 -1.94 -14.29 -21.32
N ILE A 120 -3.06 -14.42 -20.60
CA ILE A 120 -4.23 -15.03 -21.20
C ILE A 120 -4.71 -14.23 -22.41
N ALA A 121 -4.62 -12.90 -22.32
CA ALA A 121 -5.08 -12.07 -23.43
C ALA A 121 -4.22 -12.27 -24.67
N GLU A 122 -2.90 -12.28 -24.50
CA GLU A 122 -2.03 -12.49 -25.64
C GLU A 122 -2.23 -13.87 -26.28
N GLU A 123 -2.56 -14.87 -25.48
CA GLU A 123 -2.62 -16.21 -26.02
C GLU A 123 -3.99 -16.57 -26.59
N THR A 124 -5.04 -15.88 -26.16
CA THR A 124 -6.38 -16.15 -26.63
C THR A 124 -6.87 -15.10 -27.62
N GLY A 125 -5.99 -14.19 -28.05
CA GLY A 125 -6.43 -13.10 -28.88
C GLY A 125 -7.26 -12.06 -28.16
N GLY A 126 -7.26 -12.05 -26.84
CA GLY A 126 -7.96 -11.04 -26.09
C GLY A 126 -7.34 -9.67 -26.28
N THR A 127 -7.94 -8.69 -25.64
CA THR A 127 -7.45 -7.32 -25.74
C THR A 127 -6.42 -7.05 -24.65
N ALA A 128 -5.24 -6.62 -25.07
CA ALA A 128 -4.14 -6.32 -24.16
C ALA A 128 -4.57 -5.24 -23.16
N PRO A 129 -4.53 -5.52 -21.85
CA PRO A 129 -5.10 -4.59 -20.86
C PRO A 129 -4.03 -3.50 -20.94
N ASP A 130 -4.16 -2.46 -20.13
CA ASP A 130 -3.14 -1.41 -20.06
C ASP A 130 -1.66 -1.61 -19.77
N PRO A 131 -0.79 -1.41 -20.77
CA PRO A 131 0.65 -1.62 -20.52
C PRO A 131 1.14 -0.91 -19.26
N ARG A 132 0.69 0.31 -19.03
CA ARG A 132 1.13 1.06 -17.85
C ARG A 132 0.99 0.24 -16.58
N ILE A 133 -0.02 -0.62 -16.51
CA ILE A 133 -0.38 -1.28 -15.26
C ILE A 133 0.77 -2.15 -14.75
N LEU A 134 1.51 -2.80 -15.65
CA LEU A 134 2.60 -3.66 -15.24
C LEU A 134 3.95 -2.96 -15.19
N LYS A 135 4.01 -1.69 -15.59
CA LYS A 135 5.23 -0.90 -15.51
C LYS A 135 5.76 -0.85 -14.07
N ASP A 136 7.06 -1.08 -13.91
CA ASP A 136 7.67 -0.89 -12.60
C ASP A 136 7.53 0.56 -12.14
N LYS A 137 7.51 0.77 -10.83
CA LYS A 137 7.28 2.10 -10.27
C LYS A 137 7.88 2.18 -8.88
N VAL A 138 8.33 3.39 -8.50
CA VAL A 138 8.83 3.65 -7.15
C VAL A 138 7.86 4.57 -6.42
N ILE A 139 7.79 4.42 -5.11
CA ILE A 139 6.86 5.17 -4.26
C ILE A 139 7.50 5.36 -2.90
N SER A 140 7.26 6.53 -2.30
CA SER A 140 7.67 6.82 -0.95
C SER A 140 6.49 7.40 -0.17
N PHE A 141 6.50 7.17 1.13
CA PHE A 141 5.41 7.56 2.00
C PHE A 141 5.93 8.40 3.15
N MSE A 142 5.10 9.33 3.59
CA MSE A 142 5.36 10.06 4.81
C MSE A 142 4.06 10.02 5.60
O MSE A 142 3.01 10.30 5.04
CB MSE A 142 5.79 11.49 4.51
CG MSE A 142 7.01 11.60 3.62
SE MSE A 142 7.57 13.49 3.38
CE MSE A 142 6.23 14.02 2.06
N SER A 143 4.13 9.63 6.87
CA SER A 143 2.99 9.65 7.76
C SER A 143 3.22 10.72 8.80
N VAL A 144 2.27 11.65 8.93
CA VAL A 144 2.41 12.82 9.78
C VAL A 144 1.30 12.80 10.82
N GLY A 145 1.69 12.76 12.10
CA GLY A 145 0.73 12.67 13.18
C GLY A 145 0.86 13.84 14.14
N GLY A 146 -0.17 13.98 14.99
CA GLY A 146 -0.12 14.98 16.04
C GLY A 146 0.63 14.53 17.29
N SER A 147 0.71 13.22 17.53
CA SER A 147 1.28 12.70 18.78
C SER A 147 2.30 11.60 18.52
N ASP A 148 2.50 10.70 19.49
CA ASP A 148 3.32 9.52 19.28
C ASP A 148 2.48 8.25 19.09
N TRP A 149 1.19 8.39 18.84
CA TRP A 149 0.32 7.26 18.52
C TRP A 149 0.48 6.99 17.03
N VAL A 150 1.53 6.24 16.69
CA VAL A 150 1.97 6.16 15.30
C VAL A 150 2.46 4.76 14.90
N THR A 151 2.02 3.72 15.58
CA THR A 151 2.66 2.41 15.48
C THR A 151 2.15 1.54 14.35
N ARG A 152 1.16 1.99 13.57
CA ARG A 152 0.61 1.16 12.51
C ARG A 152 0.66 1.80 11.13
N THR A 153 1.07 3.06 11.03
CA THR A 153 0.87 3.77 9.78
C THR A 153 1.85 3.33 8.70
N GLN A 154 3.09 3.01 9.09
CA GLN A 154 4.07 2.56 8.11
C GLN A 154 3.71 1.22 7.51
N CYS A 155 3.10 0.34 8.29
CA CYS A 155 2.60 -0.91 7.74
C CYS A 155 1.40 -0.66 6.82
N ASP A 156 0.49 0.24 7.21
CA ASP A 156 -0.59 0.62 6.29
C ASP A 156 -0.02 1.12 4.99
N ALA A 157 1.00 2.00 5.07
CA ALA A 157 1.58 2.53 3.84
C ALA A 157 2.13 1.40 2.97
N GLY A 158 2.91 0.52 3.58
CA GLY A 158 3.43 -0.60 2.83
C GLY A 158 2.35 -1.44 2.18
N MSE A 159 1.24 -1.59 2.83
CA MSE A 159 0.13 -2.29 2.26
C MSE A 159 -0.27 -1.78 0.88
O MSE A 159 -0.52 -2.59 0.05
CB MSE A 159 -1.01 -2.29 3.24
CG MSE A 159 -1.81 -3.55 3.04
SE MSE A 159 -0.91 -5.24 3.45
CE MSE A 159 -0.61 -4.99 5.29
N LEU A 160 -0.34 -0.48 0.67
CA LEU A 160 -0.73 0.08 -0.62
C LEU A 160 0.27 -0.32 -1.71
N ALA A 161 1.57 -0.26 -1.41
CA ALA A 161 2.59 -0.64 -2.37
C ALA A 161 2.60 -2.13 -2.64
N LEU A 162 2.21 -2.93 -1.64
CA LEU A 162 2.34 -4.38 -1.73
C LEU A 162 1.52 -4.95 -2.88
N THR A 163 0.32 -4.41 -3.10
CA THR A 163 -0.56 -5.00 -4.11
C THR A 163 0.09 -4.99 -5.49
N PRO A 164 0.51 -3.84 -6.04
CA PRO A 164 1.21 -3.85 -7.33
C PRO A 164 2.71 -4.09 -7.22
N MSE A 165 3.22 -4.36 -6.03
CA MSE A 165 4.65 -4.56 -5.81
C MSE A 165 5.50 -3.38 -6.29
O MSE A 165 6.60 -3.58 -6.82
CB MSE A 165 5.11 -5.84 -6.48
CG MSE A 165 4.66 -7.08 -5.76
SE MSE A 165 5.07 -8.72 -6.77
CE MSE A 165 7.02 -8.66 -6.69
N TRP A 166 5.01 -2.17 -6.11
CA TRP A 166 5.84 -1.00 -6.35
C TRP A 166 7.00 -0.97 -5.35
N LYS A 167 8.13 -0.44 -5.79
CA LYS A 167 9.32 -0.45 -4.97
C LYS A 167 9.30 0.76 -4.01
N VAL A 168 9.23 0.49 -2.72
CA VAL A 168 9.23 1.53 -1.70
C VAL A 168 10.63 2.12 -1.55
N ILE A 169 10.75 3.44 -1.59
CA ILE A 169 12.06 4.03 -1.38
C ILE A 169 12.20 4.54 0.04
N ASP A 170 11.28 5.40 0.47
CA ASP A 170 11.21 5.84 1.86
C ASP A 170 9.82 5.56 2.42
N ASN A 171 9.75 5.40 3.76
CA ASN A 171 8.49 5.13 4.45
C ASN A 171 8.62 5.71 5.86
N GLU A 172 8.45 7.03 5.95
CA GLU A 172 8.88 7.81 7.11
C GLU A 172 7.68 8.22 7.96
N VAL A 173 7.87 8.22 9.28
CA VAL A 173 6.84 8.60 10.24
C VAL A 173 7.28 9.86 10.95
N PHE A 174 6.35 10.83 11.09
CA PHE A 174 6.63 12.10 11.78
C PHE A 174 5.69 12.26 12.95
N PRO A 175 6.09 11.85 14.15
CA PRO A 175 5.25 12.08 15.33
C PRO A 175 5.40 13.51 15.84
N TRP A 176 4.43 13.91 16.67
CA TRP A 176 4.40 15.24 17.29
C TRP A 176 4.58 16.33 16.25
N ALA A 177 3.81 16.22 15.16
CA ALA A 177 4.10 16.99 13.95
C ALA A 177 3.04 18.04 13.62
N LEU A 178 2.25 18.49 14.59
CA LEU A 178 1.29 19.54 14.33
C LEU A 178 1.97 20.82 13.90
N SER A 179 3.13 21.13 14.49
CA SER A 179 3.89 22.33 14.16
C SER A 179 5.06 22.04 13.23
N ILE A 180 4.97 20.97 12.43
CA ILE A 180 6.15 20.52 11.69
C ILE A 180 6.61 21.53 10.65
N LEU A 181 5.72 22.39 10.14
CA LEU A 181 6.16 23.31 9.10
C LEU A 181 7.05 24.44 9.62
N VAL A 182 7.22 24.60 10.93
CA VAL A 182 8.26 25.47 11.45
C VAL A 182 9.42 24.69 12.04
N GLU A 183 9.49 23.39 11.80
CA GLU A 183 10.59 22.56 12.26
C GLU A 183 11.51 22.29 11.07
N ASP A 184 12.59 23.07 10.97
CA ASP A 184 13.41 23.10 9.76
C ASP A 184 14.06 21.75 9.45
N GLU A 185 14.62 21.06 10.46
CA GLU A 185 15.29 19.79 10.18
C GLU A 185 14.30 18.74 9.69
N ARG A 186 13.05 18.81 10.11
CA ARG A 186 12.09 17.82 9.67
C ARG A 186 11.56 18.15 8.28
N VAL A 187 11.46 19.45 7.95
CA VAL A 187 11.11 19.84 6.59
C VAL A 187 12.23 19.45 5.64
N ALA A 188 13.48 19.62 6.06
CA ALA A 188 14.62 19.19 5.27
C ALA A 188 14.56 17.69 5.01
N ARG A 189 13.96 16.93 5.91
CA ARG A 189 13.82 15.48 5.68
C ARG A 189 12.81 15.18 4.59
N ALA A 190 11.69 15.93 4.55
CA ALA A 190 10.79 15.80 3.40
C ALA A 190 11.50 16.15 2.11
N HIS A 191 12.32 17.22 2.13
CA HIS A 191 13.08 17.60 0.96
C HIS A 191 13.99 16.45 0.48
N GLN A 192 14.74 15.83 1.40
CA GLN A 192 15.60 14.72 1.01
C GLN A 192 14.79 13.55 0.46
N ILE A 193 13.65 13.24 1.09
CA ILE A 193 12.79 12.18 0.59
C ILE A 193 12.40 12.45 -0.87
N GLY A 194 12.17 13.72 -1.19
CA GLY A 194 11.85 14.07 -2.57
C GLY A 194 13.04 13.91 -3.51
N ARG A 195 14.24 14.24 -3.03
CA ARG A 195 15.44 13.91 -3.80
C ARG A 195 15.53 12.41 -4.05
N ASN A 196 15.28 11.61 -3.01
CA ASN A 196 15.36 10.16 -3.14
C ASN A 196 14.38 9.62 -4.19
N ILE A 197 13.10 9.95 -4.07
CA ILE A 197 12.15 9.40 -5.04
C ILE A 197 12.55 9.79 -6.45
N ALA A 198 13.11 10.99 -6.63
CA ALA A 198 13.51 11.46 -7.94
C ALA A 198 14.69 10.65 -8.49
N GLU A 199 15.73 10.46 -7.68
CA GLU A 199 16.85 9.64 -8.14
C GLU A 199 16.39 8.24 -8.48
N ALA A 200 15.58 7.64 -7.60
CA ALA A 200 15.11 6.27 -7.80
C ALA A 200 14.40 6.13 -9.13
N ALA A 201 13.56 7.10 -9.48
CA ALA A 201 12.78 7.01 -10.71
C ALA A 201 13.64 7.17 -11.95
N LYS A 202 14.82 7.77 -11.81
CA LYS A 202 15.76 7.82 -12.94
C LYS A 202 16.09 6.42 -13.41
N ASP A 203 16.45 5.53 -12.49
CA ASP A 203 16.81 4.14 -12.79
C ASP A 203 16.02 3.24 -11.84
N ILE A 204 14.78 2.94 -12.21
CA ILE A 204 13.93 2.14 -11.31
C ILE A 204 14.56 0.78 -11.04
N GLU A 205 15.29 0.23 -12.00
CA GLU A 205 15.86 -1.10 -11.83
C GLU A 205 16.88 -1.13 -10.71
N HIS A 206 17.76 -0.12 -10.66
CA HIS A 206 18.81 -0.06 -9.65
C HIS A 206 18.44 0.82 -8.46
N ALA A 207 17.19 1.28 -8.39
CA ALA A 207 16.75 2.03 -7.22
C ALA A 207 16.79 1.13 -6.00
N GLN A 208 17.15 1.73 -4.86
CA GLN A 208 17.33 0.99 -3.62
C GLN A 208 16.56 1.63 -2.48
N TYR A 209 16.04 0.78 -1.61
CA TYR A 209 15.35 1.21 -0.39
C TYR A 209 16.26 2.08 0.46
N GLN A 210 15.72 3.17 0.98
CA GLN A 210 16.48 4.14 1.76
C GLN A 210 16.02 4.21 3.21
N GLY A 211 15.04 3.41 3.60
CA GLY A 211 14.33 3.63 4.84
C GLY A 211 14.93 2.88 6.00
N ASP A 212 14.19 2.88 7.09
CA ASP A 212 14.56 2.15 8.29
C ASP A 212 14.66 0.66 7.98
N ALA A 213 15.69 0.00 8.51
CA ALA A 213 15.89 -1.41 8.24
C ALA A 213 14.85 -2.31 8.88
N GLY A 214 14.15 -1.81 9.90
CA GLY A 214 13.09 -2.59 10.55
C GLY A 214 13.60 -3.88 11.17
N VAL A 215 12.64 -4.79 11.42
CA VAL A 215 12.92 -6.08 12.03
C VAL A 215 12.86 -7.21 11.00
N CYS A 216 11.78 -7.24 10.19
CA CYS A 216 11.66 -8.18 9.08
C CYS A 216 12.76 -7.87 8.08
N PRO A 217 13.70 -8.77 7.87
CA PRO A 217 14.78 -8.50 6.90
C PRO A 217 14.27 -8.40 5.48
N HIS A 218 13.10 -8.91 5.20
CA HIS A 218 12.55 -8.90 3.87
C HIS A 218 11.60 -7.71 3.65
N CYS A 219 10.64 -7.54 4.58
CA CYS A 219 9.55 -6.52 4.62
C CYS A 219 10.16 -5.11 5.00
N HIS A 220 11.06 -5.09 5.97
CA HIS A 220 11.52 -3.98 6.81
C HIS A 220 10.57 -3.48 7.86
N SER A 221 9.47 -4.18 7.96
CA SER A 221 8.43 -3.95 8.91
C SER A 221 8.88 -4.11 10.35
N ARG A 222 8.22 -3.41 11.23
CA ARG A 222 8.30 -3.64 12.65
C ARG A 222 7.02 -4.17 13.31
N ASN A 223 6.05 -4.52 12.50
CA ASN A 223 4.75 -4.98 12.98
C ASN A 223 4.59 -6.50 12.81
N PHE A 224 4.18 -7.15 13.86
CA PHE A 224 4.15 -8.59 13.94
C PHE A 224 2.90 -9.04 14.65
N HIS A 225 2.29 -10.08 14.15
CA HIS A 225 1.26 -10.80 14.84
C HIS A 225 1.86 -12.05 15.54
N LEU A 226 1.63 -12.18 16.82
CA LEU A 226 2.36 -13.16 17.62
C LEU A 226 1.49 -14.26 18.15
N GLN A 227 1.79 -15.49 17.81
CA GLN A 227 1.22 -16.62 18.53
C GLN A 227 2.19 -17.72 18.81
N ASP A 228 1.79 -18.68 19.63
CA ASP A 228 2.68 -19.74 20.06
C ASP A 228 3.30 -20.49 18.92
N GLY A 229 4.59 -20.36 18.79
CA GLY A 229 5.33 -21.00 17.76
C GLY A 229 5.27 -20.37 16.40
N LYS A 230 4.70 -19.17 16.32
CA LYS A 230 4.58 -18.50 15.03
C LYS A 230 4.51 -16.98 15.12
N ALA A 231 5.52 -16.33 14.64
CA ALA A 231 5.47 -14.91 14.48
C ALA A 231 5.25 -14.57 13.02
N ILE A 232 4.22 -13.81 12.75
CA ILE A 232 3.90 -13.41 11.41
C ILE A 232 4.16 -11.93 11.18
N CYS A 233 4.91 -11.65 10.17
CA CYS A 233 5.08 -10.31 9.74
C CYS A 233 3.79 -9.71 9.23
N CYS A 234 3.44 -8.54 9.69
CA CYS A 234 2.14 -7.98 9.34
C CYS A 234 2.09 -7.37 7.94
N LEU A 235 3.23 -7.08 7.33
CA LEU A 235 3.26 -6.55 5.97
C LEU A 235 3.36 -7.69 4.97
N CYS A 236 4.46 -8.44 5.00
CA CYS A 236 4.78 -9.40 3.95
C CYS A 236 4.30 -10.81 4.26
N GLY A 237 3.87 -11.10 5.48
CA GLY A 237 3.23 -12.36 5.76
C GLY A 237 4.17 -13.52 5.98
N LEU A 238 5.48 -13.31 5.90
CA LEU A 238 6.42 -14.36 6.26
C LEU A 238 6.13 -14.86 7.66
N GLU A 239 6.19 -16.18 7.84
CA GLU A 239 5.93 -16.84 9.11
C GLU A 239 7.25 -17.38 9.66
N GLY A 240 7.58 -16.98 10.88
CA GLY A 240 8.86 -17.37 11.43
C GLY A 240 8.95 -17.19 12.93
N GLU A 241 10.02 -16.56 13.40
CA GLU A 241 10.28 -16.51 14.83
C GLU A 241 10.90 -15.17 15.19
N ILE A 242 10.42 -14.60 16.29
CA ILE A 242 10.93 -13.34 16.84
C ILE A 242 11.87 -13.68 17.99
N HIS A 243 13.07 -13.10 17.99
CA HIS A 243 14.02 -13.29 19.07
C HIS A 243 14.27 -11.97 19.79
N ASN A 244 14.36 -12.03 21.12
CA ASN A 244 14.79 -10.91 21.95
C ASN A 244 16.20 -11.22 22.44
N GLU A 245 17.19 -10.60 21.79
CA GLU A 245 18.59 -10.78 22.15
C GLU A 245 19.00 -9.55 22.97
N GLY A 246 18.61 -9.56 24.24
CA GLY A 246 18.86 -8.44 25.13
C GLY A 246 18.23 -7.14 24.66
N GLY A 247 16.90 -7.14 24.51
CA GLY A 247 16.17 -5.96 24.10
C GLY A 247 16.17 -5.66 22.61
N LYS A 248 17.14 -6.17 21.85
CA LYS A 248 17.16 -6.02 20.40
C LYS A 248 16.37 -7.17 19.76
N TYR A 249 15.42 -6.83 18.91
CA TYR A 249 14.56 -7.82 18.28
C TYR A 249 15.06 -8.16 16.88
N SER A 250 14.88 -9.42 16.51
CA SER A 250 15.27 -9.90 15.18
C SER A 250 14.25 -10.93 14.72
N PHE A 251 14.20 -11.17 13.42
CA PHE A 251 13.16 -12.01 12.83
C PHE A 251 13.78 -13.01 11.87
N THR A 252 13.59 -14.31 12.13
CA THR A 252 14.08 -15.37 11.26
C THR A 252 12.92 -16.18 10.71
N PHE A 253 13.18 -16.86 9.59
CA PHE A 253 12.15 -17.65 8.91
C PHE A 253 12.85 -18.64 7.99
N PRO A 254 12.25 -19.79 7.82
CA PRO A 254 12.78 -20.80 6.94
C PRO A 254 12.77 -20.19 5.60
N ALA A 255 13.82 -20.39 4.84
CA ALA A 255 13.98 -19.72 3.56
C ALA A 255 12.94 -20.05 2.53
N GLU A 256 12.34 -21.18 2.69
CA GLU A 256 11.29 -21.63 1.77
C GLU A 256 10.04 -20.75 1.88
N GLN A 257 9.82 -20.12 3.04
CA GLN A 257 8.70 -19.20 3.19
C GLN A 257 8.76 -18.07 2.16
N LEU A 258 9.95 -17.74 1.66
CA LEU A 258 10.07 -16.69 0.66
C LEU A 258 9.15 -16.92 -0.53
N GLU A 259 8.93 -18.18 -0.88
CA GLU A 259 8.00 -18.53 -1.95
C GLU A 259 6.59 -18.08 -1.66
N HIS A 260 6.23 -17.90 -0.39
CA HIS A 260 4.86 -17.56 -0.02
C HIS A 260 4.68 -16.09 0.32
N ALA A 261 5.78 -15.34 0.40
CA ALA A 261 5.73 -13.95 0.86
C ALA A 261 4.76 -13.12 0.02
N HIS A 262 3.91 -12.35 0.69
CA HIS A 262 2.78 -11.66 0.05
C HIS A 262 3.21 -10.61 -0.97
N ASP A 263 4.46 -10.17 -0.96
CA ASP A 263 4.92 -9.13 -1.86
C ASP A 263 5.86 -9.67 -2.92
N THR A 264 5.81 -10.97 -3.20
CA THR A 264 6.51 -11.58 -4.32
C THR A 264 5.49 -12.15 -5.29
N LEU A 265 5.92 -12.26 -6.55
CA LEU A 265 5.06 -12.91 -7.56
C LEU A 265 4.69 -14.32 -7.13
N SER A 266 5.66 -15.09 -6.65
CA SER A 266 5.38 -16.46 -6.26
C SER A 266 4.27 -16.51 -5.22
N GLY A 267 4.37 -15.69 -4.17
CA GLY A 267 3.35 -15.69 -3.15
C GLY A 267 2.00 -15.23 -3.66
N LYS A 268 1.99 -14.29 -4.60
CA LYS A 268 0.73 -13.79 -5.15
C LYS A 268 0.06 -14.85 -6.03
N PHE A 269 0.85 -15.60 -6.80
CA PHE A 269 0.29 -16.67 -7.63
C PHE A 269 -0.37 -17.72 -6.76
N ILE A 270 0.30 -18.12 -5.67
CA ILE A 270 -0.31 -19.08 -4.75
C ILE A 270 -1.58 -18.51 -4.16
N HIS A 271 -1.51 -17.29 -3.65
CA HIS A 271 -2.67 -16.68 -3.02
C HIS A 271 -3.83 -16.62 -3.99
N GLY A 272 -3.55 -16.18 -5.22
CA GLY A 272 -4.61 -16.07 -6.21
C GLY A 272 -5.19 -17.42 -6.60
N ASN A 273 -4.37 -18.46 -6.65
CA ASN A 273 -4.96 -19.75 -6.97
C ASN A 273 -5.85 -20.25 -5.84
N ASP A 274 -5.45 -19.99 -4.58
CA ASP A 274 -6.31 -20.34 -3.45
C ASP A 274 -7.65 -19.61 -3.52
N ILE A 275 -7.63 -18.33 -3.91
CA ILE A 275 -8.87 -17.59 -4.05
C ILE A 275 -9.74 -18.21 -5.12
N LYS A 276 -9.14 -18.65 -6.22
CA LYS A 276 -9.93 -19.21 -7.31
C LYS A 276 -10.57 -20.52 -6.90
N GLU A 277 -9.79 -21.42 -6.30
CA GLU A 277 -10.34 -22.69 -5.83
C GLU A 277 -11.47 -22.44 -4.83
N ASN A 278 -11.25 -21.54 -3.86
CA ASN A 278 -12.23 -21.34 -2.81
C ASN A 278 -13.47 -20.62 -3.33
N THR A 279 -13.31 -19.71 -4.30
CA THR A 279 -14.45 -19.11 -4.96
C THR A 279 -15.27 -20.16 -5.70
N GLY A 280 -14.61 -21.10 -6.36
CA GLY A 280 -15.33 -22.18 -7.03
C GLY A 280 -16.11 -23.01 -6.03
N LYS A 281 -15.49 -23.38 -4.92
CA LYS A 281 -16.21 -24.09 -3.86
C LYS A 281 -17.43 -23.30 -3.43
N LYS A 282 -17.30 -21.98 -3.26
CA LYS A 282 -18.42 -21.20 -2.76
C LYS A 282 -19.57 -21.21 -3.74
N ILE A 283 -19.29 -21.01 -5.03
CA ILE A 283 -20.34 -20.98 -6.03
C ILE A 283 -21.15 -22.28 -5.99
N ALA A 284 -20.46 -23.41 -5.85
CA ALA A 284 -21.16 -24.67 -5.76
C ALA A 284 -21.94 -24.78 -4.45
N ASN A 285 -21.33 -24.35 -3.35
CA ASN A 285 -22.01 -24.38 -2.06
C ASN A 285 -23.27 -23.51 -2.06
N MSE A 286 -23.30 -22.44 -2.82
CA MSE A 286 -24.48 -21.58 -2.87
C MSE A 286 -25.68 -22.25 -3.54
O MSE A 286 -26.80 -21.78 -3.43
CB MSE A 286 -24.17 -20.29 -3.61
CG MSE A 286 -23.15 -19.43 -2.90
SE MSE A 286 -22.80 -17.79 -3.86
CE MSE A 286 -22.38 -18.55 -5.59
N GLN A 287 -25.41 -23.36 -4.24
CA GLN A 287 -26.48 -24.16 -4.85
C GLN A 287 -27.06 -25.19 -3.91
N THR A 288 -26.38 -25.51 -2.81
CA THR A 288 -26.87 -26.54 -1.91
C THR A 288 -28.13 -26.09 -1.16
N GLU A 289 -28.91 -27.08 -0.76
CA GLU A 289 -30.10 -26.81 0.04
C GLU A 289 -29.73 -26.32 1.43
N LYS A 290 -28.62 -26.82 1.99
CA LYS A 290 -28.17 -26.34 3.30
C LYS A 290 -27.94 -24.84 3.27
N TYR A 291 -27.22 -24.35 2.25
CA TYR A 291 -27.01 -22.91 2.12
C TYR A 291 -28.33 -22.17 1.90
N LYS A 292 -29.14 -22.66 0.97
CA LYS A 292 -30.37 -21.95 0.65
C LYS A 292 -31.30 -21.90 1.86
N ALA A 293 -31.37 -22.97 2.64
CA ALA A 293 -32.30 -22.99 3.77
C ALA A 293 -31.84 -22.05 4.87
N ARG A 294 -30.55 -22.07 5.19
CA ARG A 294 -30.03 -21.16 6.19
C ARG A 294 -30.26 -19.71 5.77
N GLN A 295 -29.96 -19.39 4.51
CA GLN A 295 -30.18 -18.04 3.99
C GLN A 295 -31.66 -17.64 4.08
N ALA A 296 -32.56 -18.52 3.69
CA ALA A 296 -33.98 -18.17 3.72
C ALA A 296 -34.42 -17.86 5.14
N ALA A 297 -33.87 -18.58 6.12
CA ALA A 297 -34.23 -18.34 7.51
C ALA A 297 -33.63 -17.03 8.01
N TYR A 298 -32.46 -16.62 7.51
CA TYR A 298 -31.94 -15.31 7.87
C TYR A 298 -32.85 -14.19 7.35
N ARG A 299 -33.30 -14.30 6.10
CA ARG A 299 -34.18 -13.29 5.50
C ARG A 299 -35.49 -13.20 6.25
N ALA A 300 -36.03 -14.35 6.67
CA ALA A 300 -37.31 -14.36 7.37
C ALA A 300 -37.19 -13.88 8.80
N PHE A 301 -36.04 -14.07 9.43
CA PHE A 301 -35.93 -13.76 10.84
C PHE A 301 -36.04 -12.26 11.10
N ILE A 302 -35.46 -11.45 10.23
CA ILE A 302 -35.30 -10.03 10.53
C ILE A 302 -35.10 -9.26 9.23
N THR A 303 -35.50 -8.00 9.24
CA THR A 303 -35.27 -7.07 8.15
C THR A 303 -34.33 -5.96 8.63
N ALA A 304 -33.47 -5.49 7.73
CA ALA A 304 -32.48 -4.51 8.12
C ALA A 304 -33.15 -3.16 8.36
N THR A 305 -32.70 -2.46 9.38
CA THR A 305 -33.21 -1.12 9.68
C THR A 305 -32.45 -0.10 8.85
N VAL A 306 -33.16 0.83 8.23
CA VAL A 306 -32.51 1.89 7.45
C VAL A 306 -33.05 3.24 7.90
N PRO A 307 -32.28 4.29 7.69
CA PRO A 307 -32.79 5.63 8.02
C PRO A 307 -33.97 6.00 7.13
N GLU A 308 -34.91 6.75 7.70
CA GLU A 308 -36.03 7.30 6.97
C GLU A 308 -35.61 8.45 6.08
N1 FMN B . -2.22 11.88 15.38
C2 FMN B . -1.40 10.97 15.87
O2 FMN B . -0.25 11.40 15.96
N3 FMN B . -1.83 9.73 16.22
C4 FMN B . -3.13 9.41 16.04
O4 FMN B . -3.66 8.35 16.31
C4A FMN B . -4.05 10.42 15.50
N5 FMN B . -5.33 10.20 15.30
C5A FMN B . -6.17 11.08 14.78
C6 FMN B . -7.51 10.82 14.57
C7 FMN B . -8.37 11.77 14.03
C7M FMN B . -9.82 11.46 13.83
C8 FMN B . -7.83 13.11 13.69
C8M FMN B . -8.76 14.15 13.12
C9 FMN B . -6.50 13.37 13.91
C9A FMN B . -5.65 12.42 14.43
N10 FMN B . -4.30 12.70 14.67
C10 FMN B . -3.50 11.70 15.17
C1' FMN B . -3.79 14.01 14.29
C2' FMN B . -3.52 14.08 12.77
O2' FMN B . -2.52 13.18 12.35
C3' FMN B . -3.22 15.53 12.34
O3' FMN B . -4.31 16.38 12.56
C4' FMN B . -2.74 15.63 10.87
O4' FMN B . -1.40 15.16 10.71
C5' FMN B . -2.89 17.05 10.35
O5' FMN B . -2.44 17.19 9.04
P FMN B . -2.85 18.19 7.98
O1P FMN B . -2.23 17.83 6.78
O2P FMN B . -4.24 18.09 7.85
O3P FMN B . -2.29 19.40 8.49
HN3 FMN B . -1.12 8.99 16.64
H6 FMN B . -7.94 9.84 14.83
HM71 FMN B . -10.26 12.10 13.09
HM72 FMN B . -10.34 11.60 14.74
HM73 FMN B . -9.96 10.46 13.50
HM81 FMN B . -8.51 15.12 13.48
HM82 FMN B . -9.78 13.97 13.39
HM83 FMN B . -8.67 14.15 12.07
H9 FMN B . -6.13 14.36 13.64
H1'1 FMN B . -4.47 14.82 14.60
H1'2 FMN B . -2.85 14.28 14.79
H2' FMN B . -4.41 13.73 12.19
HO2' FMN B . -1.66 13.38 12.76
H3' FMN B . -2.46 15.98 13.02
HO3' FMN B . -5.10 16.14 12.05
H4' FMN B . -3.39 14.98 10.25
HO4' FMN B . -0.76 15.65 11.24
H5'1 FMN B . -3.94 17.33 10.41
H5'2 FMN B . -2.32 17.73 11.00
#